data_2LCN
#
_entry.id   2LCN
#
_entity_poly.entity_id   1
_entity_poly.type   'polypeptide(L)'
_entity_poly.pdbx_seq_one_letter_code
;(ACE)GWWLALALAPALALALWWA(ETA)
;
_entity_poly.pdbx_strand_id   A
#
loop_
_chem_comp.id
_chem_comp.type
_chem_comp.name
_chem_comp.formula
ACE non-polymer 'ACETYL GROUP' 'C2 H4 O'
#
# COMPACT_ATOMS: atom_id res chain seq x y z
C ACE A 1 6.15 4.07 15.32
O ACE A 1 6.80 4.65 16.19
CH3 ACE A 1 4.79 3.45 15.63
H1 ACE A 1 4.81 2.39 15.42
H2 ACE A 1 4.03 3.93 15.03
H3 ACE A 1 4.56 3.60 16.67
N GLY A 2 6.59 3.94 14.06
CA GLY A 2 7.86 4.47 13.64
C GLY A 2 7.88 4.75 12.15
N TRP A 3 8.92 4.30 11.53
CA TRP A 3 9.11 4.47 10.10
C TRP A 3 7.95 3.83 9.30
N TRP A 4 7.42 2.72 9.81
CA TRP A 4 6.31 2.03 9.13
C TRP A 4 5.17 2.98 8.74
N LEU A 5 5.29 4.26 9.05
CA LEU A 5 4.23 5.20 8.69
C LEU A 5 4.24 5.40 7.17
N ALA A 6 5.39 5.13 6.56
CA ALA A 6 5.53 5.28 5.11
C ALA A 6 4.69 4.23 4.38
N LEU A 7 4.23 3.23 5.12
CA LEU A 7 3.41 2.16 4.56
C LEU A 7 1.94 2.53 4.63
N ALA A 8 1.63 3.44 5.55
CA ALA A 8 0.26 3.89 5.71
C ALA A 8 -0.12 4.83 4.58
N LEU A 9 0.90 5.37 3.92
CA LEU A 9 0.67 6.29 2.81
C LEU A 9 0.12 5.56 1.60
N ALA A 10 0.44 4.27 1.47
CA ALA A 10 -0.05 3.50 0.34
C ALA A 10 0.25 2.01 0.51
N PRO A 11 -0.36 1.38 1.46
CA PRO A 11 -0.15 -0.08 1.73
C PRO A 11 -0.21 -0.90 0.43
N ALA A 12 0.09 -2.19 0.53
CA ALA A 12 0.04 -3.05 -0.65
C ALA A 12 -1.35 -3.08 -1.24
N LEU A 13 -2.31 -2.47 -0.54
CA LEU A 13 -3.68 -2.45 -1.02
C LEU A 13 -3.74 -1.77 -2.39
N ALA A 14 -3.33 -0.52 -2.45
CA ALA A 14 -3.35 0.23 -3.70
C ALA A 14 -2.65 -0.56 -4.81
N LEU A 15 -1.70 -1.40 -4.41
CA LEU A 15 -0.96 -2.22 -5.36
C LEU A 15 -1.81 -3.41 -5.78
N ALA A 16 -2.27 -4.18 -4.80
CA ALA A 16 -3.10 -5.34 -5.11
C ALA A 16 -4.37 -4.90 -5.82
N LEU A 17 -4.83 -3.68 -5.51
CA LEU A 17 -6.05 -3.18 -6.14
C LEU A 17 -5.88 -3.15 -7.65
N TRP A 18 -4.83 -2.47 -8.12
CA TRP A 18 -4.60 -2.38 -9.55
C TRP A 18 -4.07 -3.71 -10.11
N TRP A 19 -3.07 -4.31 -9.47
CA TRP A 19 -2.52 -5.57 -9.97
C TRP A 19 -3.64 -6.58 -10.17
N ALA A 20 -4.40 -6.80 -9.11
CA ALA A 20 -5.50 -7.74 -9.15
C ALA A 20 -6.72 -7.11 -9.83
CA ETA A 21 -7.64 -5.15 -10.95
N ETA A 21 -6.55 -5.86 -10.28
C ETA A 21 -7.90 -5.76 -12.33
O ETA A 21 -6.67 -5.98 -12.99
H2 ETA A 21 -5.69 -5.42 -10.15
HA1 ETA A 21 -7.37 -4.12 -11.06
HA2 ETA A 21 -8.54 -5.22 -10.35
HB1 ETA A 21 -8.53 -5.08 -12.90
HB2 ETA A 21 -8.42 -6.70 -12.22
HO ETA A 21 -5.98 -6.06 -12.32
C ACE A 1 5.32 5.60 15.41
O ACE A 1 5.85 6.34 16.23
CH3 ACE A 1 3.93 5.02 15.67
H1 ACE A 1 3.45 5.57 16.46
H2 ACE A 1 4.03 3.98 15.96
H3 ACE A 1 3.34 5.09 14.77
N GLY A 2 5.89 5.27 14.25
CA GLY A 2 7.21 5.76 13.88
C GLY A 2 7.34 5.85 12.38
N TRP A 3 8.44 5.32 11.90
CA TRP A 3 8.74 5.31 10.48
C TRP A 3 7.80 4.35 9.75
N TRP A 4 7.36 3.29 10.44
CA TRP A 4 6.47 2.30 9.84
C TRP A 4 5.26 2.97 9.18
N LEU A 5 5.13 4.27 9.29
CA LEU A 5 3.99 4.90 8.66
C LEU A 5 4.05 4.64 7.15
N ALA A 6 5.21 4.86 6.56
CA ALA A 6 5.39 4.65 5.12
C ALA A 6 4.73 3.36 4.65
N LEU A 7 4.49 2.43 5.56
CA LEU A 7 3.85 1.17 5.17
C LEU A 7 2.34 1.35 4.98
N ALA A 8 1.74 2.13 5.86
CA ALA A 8 0.31 2.40 5.79
C ALA A 8 0.00 3.51 4.78
N LEU A 9 1.06 4.16 4.29
CA LEU A 9 0.92 5.25 3.32
C LEU A 9 1.17 4.75 1.91
N ALA A 10 1.87 3.62 1.78
CA ALA A 10 2.17 3.03 0.48
C ALA A 10 2.14 1.51 0.54
N PRO A 11 1.08 0.96 1.08
CA PRO A 11 0.90 -0.52 1.20
C PRO A 11 0.62 -1.16 -0.17
N ALA A 12 0.98 -2.44 -0.32
CA ALA A 12 0.75 -3.14 -1.58
C ALA A 12 -0.74 -3.17 -1.91
N LEU A 13 -1.56 -2.60 -1.04
CA LEU A 13 -3.00 -2.59 -1.30
C LEU A 13 -3.30 -1.85 -2.60
N ALA A 14 -2.95 -0.56 -2.65
CA ALA A 14 -3.19 0.24 -3.84
C ALA A 14 -2.64 -0.46 -5.09
N LEU A 15 -1.66 -1.33 -4.88
CA LEU A 15 -1.06 -2.06 -5.99
C LEU A 15 -1.94 -3.25 -6.34
N ALA A 16 -2.26 -4.06 -5.34
CA ALA A 16 -3.10 -5.22 -5.58
C ALA A 16 -4.47 -4.77 -6.06
N LEU A 17 -4.89 -3.58 -5.62
CA LEU A 17 -6.19 -3.06 -6.03
C LEU A 17 -6.26 -2.95 -7.54
N TRP A 18 -5.31 -2.24 -8.13
CA TRP A 18 -5.30 -2.07 -9.58
C TRP A 18 -4.83 -3.35 -10.29
N TRP A 19 -3.74 -3.95 -9.84
CA TRP A 19 -3.25 -5.17 -10.48
C TRP A 19 -4.36 -6.20 -10.57
N ALA A 20 -4.97 -6.48 -9.44
CA ALA A 20 -6.07 -7.43 -9.38
C ALA A 20 -7.35 -6.85 -9.95
CA ETA A 21 -8.86 -4.94 -10.05
N ETA A 21 -7.64 -5.61 -9.56
C ETA A 21 -8.65 -4.42 -11.46
O ETA A 21 -8.35 -5.50 -12.32
H2 ETA A 21 -7.05 -5.15 -8.95
HA1 ETA A 21 -9.08 -4.12 -9.39
HA2 ETA A 21 -9.68 -5.64 -10.04
HB1 ETA A 21 -7.83 -3.70 -11.46
HB2 ETA A 21 -9.54 -3.93 -11.81
HO ETA A 21 -7.82 -6.14 -11.84
C ACE A 1 6.06 4.91 15.41
O ACE A 1 6.66 5.69 16.16
CH3 ACE A 1 4.67 4.41 15.78
H1 ACE A 1 3.98 4.64 14.99
H2 ACE A 1 4.34 4.89 16.69
H3 ACE A 1 4.70 3.34 15.94
N GLY A 2 6.58 4.46 14.26
CA GLY A 2 7.88 4.86 13.79
C GLY A 2 7.89 5.06 12.29
N TRP A 3 8.89 4.50 11.67
CA TRP A 3 9.06 4.60 10.23
C TRP A 3 7.92 3.86 9.51
N TRP A 4 7.41 2.78 10.11
CA TRP A 4 6.32 2.01 9.51
C TRP A 4 5.13 2.89 9.08
N LEU A 5 5.23 4.18 9.29
CA LEU A 5 4.13 5.06 8.90
C LEU A 5 4.04 5.16 7.38
N ALA A 6 5.13 4.85 6.70
CA ALA A 6 5.15 4.91 5.24
C ALA A 6 4.34 3.76 4.64
N LEU A 7 4.02 2.77 5.47
CA LEU A 7 3.26 1.62 5.02
C LEU A 7 1.78 1.95 4.93
N ALA A 8 1.34 2.92 5.73
CA ALA A 8 -0.06 3.33 5.74
C ALA A 8 -0.31 4.36 4.64
N LEU A 9 0.76 4.98 4.14
CA LEU A 9 0.66 5.99 3.10
C LEU A 9 0.84 5.38 1.71
N ALA A 10 1.42 4.18 1.65
CA ALA A 10 1.64 3.50 0.38
C ALA A 10 1.60 1.99 0.57
N PRO A 11 0.51 1.49 1.10
CA PRO A 11 0.34 0.02 1.33
C PRO A 11 0.17 -0.74 0.01
N ALA A 12 0.57 -2.01 0.01
CA ALA A 12 0.44 -2.83 -1.20
C ALA A 12 -1.01 -2.93 -1.64
N LEU A 13 -1.91 -2.36 -0.84
CA LEU A 13 -3.32 -2.43 -1.18
C LEU A 13 -3.58 -1.73 -2.53
N ALA A 14 -3.25 -0.45 -2.62
CA ALA A 14 -3.46 0.29 -3.87
C ALA A 14 -2.81 -0.45 -5.04
N LEU A 15 -1.80 -1.24 -4.73
CA LEU A 15 -1.10 -2.00 -5.76
C LEU A 15 -1.93 -3.24 -6.11
N ALA A 16 -2.24 -4.04 -5.11
CA ALA A 16 -3.02 -5.24 -5.34
C ALA A 16 -4.38 -4.88 -5.92
N LEU A 17 -4.89 -3.71 -5.54
CA LEU A 17 -6.19 -3.27 -6.04
C LEU A 17 -6.19 -3.22 -7.56
N TRP A 18 -5.23 -2.49 -8.13
CA TRP A 18 -5.14 -2.38 -9.58
C TRP A 18 -4.58 -3.67 -10.21
N TRP A 19 -3.49 -4.20 -9.67
CA TRP A 19 -2.91 -5.42 -10.23
C TRP A 19 -3.97 -6.51 -10.33
N ALA A 20 -4.61 -6.77 -9.21
CA ALA A 20 -5.65 -7.79 -9.14
C ALA A 20 -6.94 -7.26 -9.75
CA ETA A 21 -8.07 -5.41 -10.85
N ETA A 21 -6.90 -6.03 -10.25
C ETA A 21 -8.32 -5.98 -12.25
O ETA A 21 -7.38 -5.44 -13.16
H2 ETA A 21 -6.05 -5.52 -10.21
HA1 ETA A 21 -7.90 -4.35 -10.94
HA2 ETA A 21 -8.93 -5.58 -10.21
HB1 ETA A 21 -9.34 -5.74 -12.55
HB2 ETA A 21 -8.22 -7.06 -12.22
HO ETA A 21 -6.67 -6.08 -13.25
C ACE A 1 6.38 4.41 15.28
O ACE A 1 7.09 5.01 16.10
CH3 ACE A 1 4.98 3.93 15.68
H1 ACE A 1 4.79 4.21 16.70
H2 ACE A 1 4.93 2.87 15.57
H3 ACE A 1 4.26 4.40 15.03
N GLY A 2 6.76 4.17 14.03
CA GLY A 2 8.06 4.57 13.54
C GLY A 2 8.03 4.78 12.04
N TRP A 3 9.02 4.22 11.41
CA TRP A 3 9.16 4.32 9.96
C TRP A 3 7.94 3.68 9.26
N TRP A 4 7.37 2.64 9.87
CA TRP A 4 6.21 1.95 9.30
C TRP A 4 5.09 2.93 8.89
N LEU A 5 5.29 4.22 9.09
CA LEU A 5 4.26 5.18 8.70
C LEU A 5 4.23 5.31 7.18
N ALA A 6 5.34 4.94 6.55
CA ALA A 6 5.44 5.01 5.09
C ALA A 6 4.52 3.98 4.45
N LEU A 7 4.06 3.03 5.25
CA LEU A 7 3.17 1.97 4.78
C LEU A 7 1.72 2.43 4.85
N ALA A 8 1.48 3.43 5.67
CA ALA A 8 0.13 3.98 5.84
C ALA A 8 -0.19 4.92 4.69
N LEU A 9 0.84 5.32 3.96
CA LEU A 9 0.69 6.23 2.84
C LEU A 9 0.17 5.49 1.60
N ALA A 10 0.46 4.20 1.50
CA ALA A 10 0.01 3.44 0.34
C ALA A 10 0.21 1.95 0.53
N PRO A 11 -0.49 1.36 1.46
CA PRO A 11 -0.38 -0.10 1.74
C PRO A 11 -0.40 -0.92 0.44
N ALA A 12 0.06 -2.16 0.50
CA ALA A 12 0.07 -2.99 -0.70
C ALA A 12 -1.32 -3.08 -1.30
N LEU A 13 -2.30 -2.56 -0.56
CA LEU A 13 -3.66 -2.58 -1.04
C LEU A 13 -3.77 -1.85 -2.38
N ALA A 14 -3.41 -0.58 -2.40
CA ALA A 14 -3.46 0.19 -3.63
C ALA A 14 -2.76 -0.55 -4.76
N LEU A 15 -1.74 -1.32 -4.41
CA LEU A 15 -0.98 -2.08 -5.39
C LEU A 15 -1.80 -3.29 -5.83
N ALA A 16 -2.17 -4.12 -4.88
CA ALA A 16 -2.95 -5.30 -5.20
C ALA A 16 -4.25 -4.90 -5.89
N LEU A 17 -4.73 -3.69 -5.59
CA LEU A 17 -5.96 -3.22 -6.22
C LEU A 17 -5.80 -3.20 -7.73
N TRP A 18 -4.81 -2.46 -8.21
CA TRP A 18 -4.59 -2.36 -9.64
C TRP A 18 -4.02 -3.67 -10.22
N TRP A 19 -3.00 -4.24 -9.58
CA TRP A 19 -2.43 -5.49 -10.09
C TRP A 19 -3.53 -6.52 -10.30
N ALA A 20 -4.29 -6.75 -9.24
CA ALA A 20 -5.38 -7.72 -9.29
C ALA A 20 -6.59 -7.13 -10.00
CA ETA A 21 -7.71 -5.12 -10.80
N ETA A 21 -6.61 -5.81 -10.13
C ETA A 21 -8.95 -5.14 -9.91
O ETA A 21 -9.50 -6.44 -9.89
H2 ETA A 21 -5.86 -5.28 -9.77
HA1 ETA A 21 -7.94 -5.63 -11.73
HA2 ETA A 21 -7.42 -4.10 -11.00
HB1 ETA A 21 -9.68 -4.42 -10.31
HB2 ETA A 21 -8.70 -4.85 -8.90
HO ETA A 21 -8.80 -7.05 -9.65
C ACE A 1 6.00 4.41 15.62
O ACE A 1 6.65 5.01 16.49
CH3 ACE A 1 4.62 3.85 15.94
H1 ACE A 1 4.33 4.13 16.94
H2 ACE A 1 4.63 2.78 15.85
H3 ACE A 1 3.89 4.27 15.24
N GLY A 2 6.45 4.22 14.38
CA GLY A 2 7.74 4.70 13.96
C GLY A 2 7.75 4.99 12.47
N TRP A 3 8.76 4.49 11.83
CA TRP A 3 8.94 4.67 10.40
C TRP A 3 7.80 3.96 9.62
N TRP A 4 7.29 2.86 10.16
CA TRP A 4 6.22 2.11 9.51
C TRP A 4 5.05 3.01 9.09
N LEU A 5 5.12 4.30 9.35
CA LEU A 5 4.05 5.20 8.96
C LEU A 5 4.04 5.42 7.46
N ALA A 6 5.15 5.14 6.80
CA ALA A 6 5.24 5.32 5.36
C ALA A 6 4.51 4.20 4.63
N LEU A 7 4.18 3.14 5.37
CA LEU A 7 3.48 2.00 4.78
C LEU A 7 2.00 2.31 4.58
N ALA A 8 1.45 3.19 5.40
CA ALA A 8 0.04 3.55 5.27
C ALA A 8 -0.16 4.57 4.16
N LEU A 9 0.95 5.08 3.63
CA LEU A 9 0.92 6.06 2.55
C LEU A 9 0.94 5.39 1.18
N ALA A 10 1.48 4.17 1.12
CA ALA A 10 1.56 3.44 -0.14
C ALA A 10 1.64 1.94 0.12
N PRO A 11 0.69 1.39 0.82
CA PRO A 11 0.66 -0.06 1.14
C PRO A 11 0.36 -0.90 -0.10
N ALA A 12 0.68 -2.18 -0.05
CA ALA A 12 0.44 -3.07 -1.18
C ALA A 12 -1.06 -3.16 -1.49
N LEU A 13 -1.88 -2.56 -0.63
CA LEU A 13 -3.32 -2.60 -0.84
C LEU A 13 -3.69 -1.93 -2.16
N ALA A 14 -3.31 -0.66 -2.33
CA ALA A 14 -3.62 0.05 -3.57
C ALA A 14 -2.96 -0.66 -4.74
N LEU A 15 -1.97 -1.49 -4.43
CA LEU A 15 -1.25 -2.24 -5.44
C LEU A 15 -2.06 -3.45 -5.88
N ALA A 16 -2.38 -4.32 -4.92
CA ALA A 16 -3.15 -5.49 -5.24
C ALA A 16 -4.50 -5.10 -5.81
N LEU A 17 -5.00 -3.93 -5.39
CA LEU A 17 -6.28 -3.46 -5.88
C LEU A 17 -6.23 -3.28 -7.38
N TRP A 18 -5.29 -2.46 -7.86
CA TRP A 18 -5.17 -2.22 -9.28
C TRP A 18 -4.56 -3.43 -10.01
N TRP A 19 -3.48 -4.01 -9.48
CA TRP A 19 -2.86 -5.16 -10.13
C TRP A 19 -3.89 -6.24 -10.36
N ALA A 20 -4.57 -6.62 -9.29
CA ALA A 20 -5.60 -7.65 -9.37
C ALA A 20 -6.90 -7.08 -9.93
CA ETA A 21 -8.01 -5.21 -11.00
N ETA A 21 -6.83 -5.86 -10.43
C ETA A 21 -8.39 -5.84 -12.33
O ETA A 21 -7.24 -5.86 -13.17
H2 ETA A 21 -5.98 -5.37 -10.42
HA1 ETA A 21 -7.81 -4.16 -11.15
HA2 ETA A 21 -8.84 -5.32 -10.31
HB1 ETA A 21 -9.18 -5.27 -12.79
HB2 ETA A 21 -8.72 -6.85 -12.19
HO ETA A 21 -6.84 -4.99 -13.14
C ACE A 1 5.82 4.43 15.59
O ACE A 1 6.40 5.11 16.44
CH3 ACE A 1 4.44 3.84 15.88
H1 ACE A 1 3.78 4.07 15.06
H2 ACE A 1 4.06 4.25 16.79
H3 ACE A 1 4.52 2.77 15.98
N GLY A 2 6.34 4.16 14.39
CA GLY A 2 7.64 4.67 13.99
C GLY A 2 7.65 4.98 12.51
N TRP A 3 8.69 4.51 11.87
CA TRP A 3 8.87 4.72 10.44
C TRP A 3 7.79 3.97 9.65
N TRP A 4 7.30 2.85 10.18
CA TRP A 4 6.27 2.06 9.51
C TRP A 4 5.06 2.92 9.09
N LEU A 5 5.08 4.20 9.39
CA LEU A 5 3.97 5.06 9.02
C LEU A 5 3.96 5.31 7.52
N ALA A 6 5.09 5.11 6.86
CA ALA A 6 5.18 5.33 5.42
C ALA A 6 4.49 4.19 4.66
N LEU A 7 4.18 3.11 5.37
CA LEU A 7 3.52 1.95 4.76
C LEU A 7 2.03 2.22 4.58
N ALA A 8 1.48 3.09 5.41
CA ALA A 8 0.06 3.42 5.32
C ALA A 8 -0.18 4.45 4.22
N LEU A 9 0.90 5.04 3.72
CA LEU A 9 0.81 6.04 2.67
C LEU A 9 0.88 5.40 1.29
N ALA A 10 1.47 4.20 1.21
CA ALA A 10 1.59 3.50 -0.06
C ALA A 10 1.68 2.00 0.16
N PRO A 11 0.72 1.44 0.84
CA PRO A 11 0.70 -0.03 1.14
C PRO A 11 0.45 -0.84 -0.14
N ALA A 12 0.68 -2.15 -0.05
CA ALA A 12 0.48 -3.01 -1.21
C ALA A 12 -0.99 -3.05 -1.62
N LEU A 13 -1.84 -2.43 -0.82
CA LEU A 13 -3.27 -2.42 -1.13
C LEU A 13 -3.53 -1.77 -2.49
N ALA A 14 -3.11 -0.52 -2.65
CA ALA A 14 -3.31 0.18 -3.92
C ALA A 14 -2.67 -0.58 -5.06
N LEU A 15 -1.68 -1.41 -4.73
CA LEU A 15 -0.99 -2.19 -5.74
C LEU A 15 -1.84 -3.41 -6.11
N ALA A 16 -2.19 -4.20 -5.12
CA ALA A 16 -3.00 -5.38 -5.38
C ALA A 16 -4.35 -4.97 -5.96
N LEU A 17 -4.82 -3.79 -5.57
CA LEU A 17 -6.10 -3.31 -6.06
C LEU A 17 -6.06 -3.17 -7.58
N TRP A 18 -5.10 -2.41 -8.08
CA TRP A 18 -5.00 -2.22 -9.52
C TRP A 18 -4.45 -3.48 -10.21
N TRP A 19 -3.39 -4.07 -9.66
CA TRP A 19 -2.82 -5.27 -10.26
C TRP A 19 -3.90 -6.33 -10.43
N ALA A 20 -4.58 -6.63 -9.34
CA ALA A 20 -5.64 -7.63 -9.33
C ALA A 20 -6.92 -7.05 -9.94
CA ETA A 21 -8.76 -5.49 -9.68
N ETA A 21 -7.53 -6.12 -9.22
C ETA A 21 -9.58 -4.99 -8.50
O ETA A 21 -9.46 -5.92 -7.41
H2 ETA A 21 -7.15 -5.86 -8.36
HA1 ETA A 21 -9.35 -6.21 -10.24
HA2 ETA A 21 -8.51 -4.65 -10.32
HB1 ETA A 21 -10.62 -4.89 -8.78
HB2 ETA A 21 -9.22 -4.03 -8.17
HO ETA A 21 -8.70 -5.66 -6.90
C ACE A 1 5.84 3.50 15.64
O ACE A 1 6.38 4.04 16.60
CH3 ACE A 1 4.59 2.65 15.82
H1 ACE A 1 3.77 3.07 15.26
H2 ACE A 1 4.32 2.61 16.87
H3 ACE A 1 4.78 1.64 15.48
N GLY A 2 6.29 3.62 14.40
CA GLY A 2 7.47 4.40 14.09
C GLY A 2 7.44 4.90 12.67
N TRP A 3 8.55 4.69 12.00
CA TRP A 3 8.71 5.10 10.62
C TRP A 3 7.74 4.33 9.71
N TRP A 4 7.41 3.09 10.07
CA TRP A 4 6.49 2.28 9.28
C TRP A 4 5.19 3.02 8.95
N LEU A 5 5.04 4.25 9.40
CA LEU A 5 3.83 5.00 9.11
C LEU A 5 3.80 5.44 7.65
N ALA A 6 4.97 5.48 7.03
CA ALA A 6 5.06 5.88 5.63
C ALA A 6 4.52 4.78 4.72
N LEU A 7 4.34 3.59 5.27
CA LEU A 7 3.83 2.46 4.50
C LEU A 7 2.32 2.56 4.33
N ALA A 8 1.69 3.31 5.23
CA ALA A 8 0.25 3.48 5.18
C ALA A 8 -0.14 4.48 4.08
N LEU A 9 0.86 5.16 3.53
CA LEU A 9 0.61 6.14 2.48
C LEU A 9 0.59 5.49 1.10
N ALA A 10 1.27 4.34 0.99
CA ALA A 10 1.33 3.63 -0.28
C ALA A 10 1.64 2.16 -0.05
N PRO A 11 0.82 1.48 0.71
CA PRO A 11 1.01 0.03 1.02
C PRO A 11 0.68 -0.85 -0.19
N ALA A 12 0.74 -2.17 0.00
CA ALA A 12 0.46 -3.10 -1.08
C ALA A 12 -1.01 -3.03 -1.49
N LEU A 13 -1.81 -2.27 -0.74
CA LEU A 13 -3.22 -2.16 -1.07
C LEU A 13 -3.41 -1.56 -2.46
N ALA A 14 -2.91 -0.35 -2.69
CA ALA A 14 -3.06 0.26 -4.00
C ALA A 14 -2.47 -0.62 -5.09
N LEU A 15 -1.59 -1.54 -4.70
CA LEU A 15 -0.97 -2.45 -5.66
C LEU A 15 -1.90 -3.62 -5.95
N ALA A 16 -2.32 -4.31 -4.91
CA ALA A 16 -3.22 -5.43 -5.09
C ALA A 16 -4.53 -4.96 -5.70
N LEU A 17 -4.92 -3.73 -5.38
CA LEU A 17 -6.16 -3.18 -5.91
C LEU A 17 -6.13 -3.15 -7.43
N TRP A 18 -5.09 -2.54 -8.00
CA TRP A 18 -4.99 -2.46 -9.44
C TRP A 18 -4.56 -3.82 -10.03
N TRP A 19 -3.54 -4.45 -9.46
CA TRP A 19 -3.08 -5.74 -9.96
C TRP A 19 -4.25 -6.71 -10.03
N ALA A 20 -4.93 -6.87 -8.89
CA ALA A 20 -6.07 -7.77 -8.81
C ALA A 20 -7.31 -7.13 -9.41
CA ETA A 21 -8.24 -5.22 -10.59
N ETA A 21 -7.12 -5.93 -9.98
C ETA A 21 -8.56 -5.81 -11.96
O ETA A 21 -7.35 -5.99 -12.70
H2 ETA A 21 -6.23 -5.54 -9.99
HA1 ETA A 21 -7.97 -4.19 -10.71
HA2 ETA A 21 -9.11 -5.30 -9.95
HB1 ETA A 21 -9.23 -5.15 -12.50
HB2 ETA A 21 -9.03 -6.77 -11.85
HO ETA A 21 -7.21 -6.93 -12.82
C ACE A 1 6.02 3.69 15.68
O ACE A 1 6.58 4.26 16.62
CH3 ACE A 1 4.75 2.89 15.91
H1 ACE A 1 4.47 2.94 16.96
H2 ACE A 1 4.91 1.86 15.64
H3 ACE A 1 3.94 3.30 15.31
N GLY A 2 6.47 3.74 14.42
CA GLY A 2 7.67 4.47 14.07
C GLY A 2 7.61 4.93 12.63
N TRP A 3 8.69 4.68 11.95
CA TRP A 3 8.81 5.06 10.54
C TRP A 3 7.78 4.30 9.68
N TRP A 4 7.44 3.08 10.08
CA TRP A 4 6.48 2.27 9.34
C TRP A 4 5.18 3.04 9.03
N LEU A 5 5.09 4.29 9.43
CA LEU A 5 3.89 5.07 9.15
C LEU A 5 3.82 5.45 7.68
N ALA A 6 4.97 5.45 7.02
CA ALA A 6 5.03 5.81 5.60
C ALA A 6 4.45 4.69 4.74
N LEU A 7 4.26 3.52 5.34
CA LEU A 7 3.72 2.38 4.62
C LEU A 7 2.21 2.52 4.44
N ALA A 8 1.60 3.30 5.31
CA ALA A 8 0.16 3.50 5.25
C ALA A 8 -0.19 4.50 4.15
N LEU A 9 0.83 5.15 3.60
CA LEU A 9 0.64 6.13 2.53
C LEU A 9 0.57 5.46 1.17
N ALA A 10 1.20 4.29 1.05
CA ALA A 10 1.19 3.56 -0.21
C ALA A 10 1.50 2.09 0.03
N PRO A 11 0.68 1.42 0.80
CA PRO A 11 0.87 -0.02 1.11
C PRO A 11 0.53 -0.90 -0.11
N ALA A 12 0.69 -2.21 0.06
CA ALA A 12 0.40 -3.14 -1.03
C ALA A 12 -1.07 -3.08 -1.45
N LEU A 13 -1.88 -2.34 -0.70
CA LEU A 13 -3.29 -2.24 -1.02
C LEU A 13 -3.48 -1.63 -2.42
N ALA A 14 -2.99 -0.41 -2.63
CA ALA A 14 -3.12 0.23 -3.93
C ALA A 14 -2.54 -0.63 -5.05
N LEU A 15 -1.62 -1.52 -4.68
CA LEU A 15 -0.99 -2.40 -5.66
C LEU A 15 -1.93 -3.57 -5.97
N ALA A 16 -2.35 -4.28 -4.94
CA ALA A 16 -3.24 -5.41 -5.15
C ALA A 16 -4.54 -4.92 -5.77
N LEU A 17 -4.89 -3.66 -5.51
CA LEU A 17 -6.12 -3.10 -6.05
C LEU A 17 -6.10 -3.13 -7.58
N TRP A 18 -5.07 -2.53 -8.17
CA TRP A 18 -4.96 -2.49 -9.61
C TRP A 18 -4.51 -3.86 -10.17
N TRP A 19 -3.50 -4.48 -9.56
CA TRP A 19 -3.03 -5.77 -10.04
C TRP A 19 -4.18 -6.74 -10.13
N ALA A 20 -4.88 -6.89 -9.01
CA ALA A 20 -6.02 -7.80 -8.96
C ALA A 20 -7.22 -7.18 -9.63
CA ETA A 21 -8.19 -5.20 -10.66
N ETA A 21 -7.10 -5.91 -10.01
C ETA A 21 -8.48 -5.82 -12.04
O ETA A 21 -7.26 -5.94 -12.75
H2 ETA A 21 -6.26 -5.44 -9.83
HA1 ETA A 21 -7.92 -4.16 -10.80
HA2 ETA A 21 -9.08 -5.26 -10.05
HB1 ETA A 21 -9.17 -5.19 -12.57
HB2 ETA A 21 -8.91 -6.80 -11.91
HO ETA A 21 -7.03 -6.87 -12.80
C ACE A 1 6.18 4.67 15.61
O ACE A 1 6.85 5.33 16.42
CH3 ACE A 1 4.81 4.12 15.99
H1 ACE A 1 4.80 3.05 15.89
H2 ACE A 1 4.05 4.56 15.35
H3 ACE A 1 4.59 4.40 17.02
N GLY A 2 6.60 4.42 14.37
CA GLY A 2 7.87 4.88 13.88
C GLY A 2 7.84 5.09 12.39
N TRP A 3 8.86 4.58 11.75
CA TRP A 3 9.00 4.68 10.30
C TRP A 3 7.85 3.94 9.59
N TRP A 4 7.35 2.86 10.21
CA TRP A 4 6.26 2.09 9.62
C TRP A 4 5.09 2.96 9.16
N LEU A 5 5.17 4.26 9.33
CA LEU A 5 4.07 5.12 8.91
C LEU A 5 4.01 5.20 7.39
N ALA A 6 5.12 4.89 6.74
CA ALA A 6 5.17 4.93 5.29
C ALA A 6 4.41 3.76 4.68
N LEU A 7 4.06 2.78 5.52
CA LEU A 7 3.32 1.61 5.06
C LEU A 7 1.83 1.92 4.94
N ALA A 8 1.37 2.90 5.71
CA ALA A 8 -0.03 3.29 5.70
C ALA A 8 -0.27 4.34 4.62
N LEU A 9 0.81 4.97 4.17
CA LEU A 9 0.74 6.01 3.14
C LEU A 9 0.93 5.43 1.75
N ALA A 10 1.50 4.22 1.69
CA ALA A 10 1.75 3.56 0.41
C ALA A 10 1.68 2.05 0.57
N PRO A 11 0.56 1.55 1.04
CA PRO A 11 0.35 0.09 1.24
C PRO A 11 0.16 -0.65 -0.09
N ALA A 12 0.58 -1.90 -0.15
CA ALA A 12 0.44 -2.70 -1.37
C ALA A 12 -1.02 -2.80 -1.79
N LEU A 13 -1.91 -2.20 -1.02
CA LEU A 13 -3.33 -2.27 -1.35
C LEU A 13 -3.57 -1.64 -2.73
N ALA A 14 -3.24 -0.36 -2.87
CA ALA A 14 -3.44 0.32 -4.15
C ALA A 14 -2.83 -0.48 -5.28
N LEU A 15 -1.84 -1.32 -4.96
CA LEU A 15 -1.19 -2.13 -5.98
C LEU A 15 -2.03 -3.37 -6.24
N ALA A 16 -2.38 -4.06 -5.17
CA ALA A 16 -3.20 -5.25 -5.33
C ALA A 16 -4.53 -4.89 -5.95
N LEU A 17 -5.01 -3.68 -5.66
CA LEU A 17 -6.28 -3.25 -6.21
C LEU A 17 -6.21 -3.23 -7.73
N TRP A 18 -5.25 -2.50 -8.28
CA TRP A 18 -5.09 -2.42 -9.72
C TRP A 18 -4.50 -3.72 -10.29
N TRP A 19 -3.42 -4.23 -9.69
CA TRP A 19 -2.81 -5.46 -10.20
C TRP A 19 -3.84 -6.57 -10.28
N ALA A 20 -4.50 -6.82 -9.17
CA ALA A 20 -5.51 -7.87 -9.11
C ALA A 20 -6.80 -7.40 -9.76
CA ETA A 21 -8.28 -5.55 -10.30
N ETA A 21 -7.07 -6.11 -9.71
C ETA A 21 -9.50 -5.92 -9.47
O ETA A 21 -9.39 -7.29 -9.07
H2 ETA A 21 -6.44 -5.50 -9.25
HA1 ETA A 21 -8.39 -5.95 -11.30
HA2 ETA A 21 -8.19 -4.48 -10.37
HB1 ETA A 21 -10.39 -5.77 -10.05
HB2 ETA A 21 -9.54 -5.30 -8.59
HO ETA A 21 -9.11 -7.31 -8.16
C ACE A 1 6.18 4.52 15.63
O ACE A 1 6.84 5.16 16.46
CH3 ACE A 1 4.83 3.94 16.01
H1 ACE A 1 4.88 2.86 15.96
H2 ACE A 1 4.08 4.29 15.31
H3 ACE A 1 4.57 4.23 17.01
N GLY A 2 6.60 4.31 14.38
CA GLY A 2 7.87 4.81 13.91
C GLY A 2 7.82 5.06 12.41
N TRP A 3 8.84 4.57 11.75
CA TRP A 3 8.96 4.71 10.31
C TRP A 3 7.81 3.97 9.58
N TRP A 4 7.34 2.87 10.17
CA TRP A 4 6.26 2.07 9.57
C TRP A 4 5.06 2.94 9.15
N LEU A 5 5.12 4.24 9.35
CA LEU A 5 4.02 5.10 8.97
C LEU A 5 3.95 5.26 7.46
N ALA A 6 5.06 5.00 6.78
CA ALA A 6 5.10 5.12 5.31
C ALA A 6 4.37 3.96 4.66
N LEU A 7 4.05 2.94 5.45
CA LEU A 7 3.35 1.76 4.93
C LEU A 7 1.86 2.06 4.81
N ALA A 8 1.38 3.02 5.59
CA ALA A 8 -0.03 3.40 5.56
C ALA A 8 -0.28 4.43 4.45
N LEU A 9 0.79 5.03 3.96
CA LEU A 9 0.72 6.04 2.91
C LEU A 9 0.84 5.41 1.52
N ALA A 10 1.42 4.21 1.46
CA ALA A 10 1.61 3.52 0.18
C ALA A 10 1.60 2.01 0.38
N PRO A 11 0.55 1.49 0.97
CA PRO A 11 0.42 0.03 1.22
C PRO A 11 0.19 -0.74 -0.08
N ALA A 12 0.62 -2.01 -0.10
CA ALA A 12 0.47 -2.84 -1.28
C ALA A 12 -0.99 -2.93 -1.71
N LEU A 13 -1.86 -2.33 -0.92
CA LEU A 13 -3.29 -2.38 -1.25
C LEU A 13 -3.52 -1.72 -2.60
N ALA A 14 -3.16 -0.45 -2.73
CA ALA A 14 -3.35 0.26 -3.98
C ALA A 14 -2.76 -0.54 -5.14
N LEU A 15 -1.78 -1.39 -4.84
CA LEU A 15 -1.15 -2.21 -5.87
C LEU A 15 -2.02 -3.42 -6.14
N ALA A 16 -2.37 -4.13 -5.08
CA ALA A 16 -3.20 -5.31 -5.25
C ALA A 16 -4.55 -4.91 -5.85
N LEU A 17 -5.00 -3.69 -5.54
CA LEU A 17 -6.27 -3.23 -6.06
C LEU A 17 -6.22 -3.21 -7.59
N TRP A 18 -5.26 -2.48 -8.13
CA TRP A 18 -5.11 -2.37 -9.58
C TRP A 18 -4.52 -3.67 -10.17
N TRP A 19 -3.44 -4.20 -9.59
CA TRP A 19 -2.85 -5.42 -10.11
C TRP A 19 -3.91 -6.52 -10.21
N ALA A 20 -4.57 -6.78 -9.09
CA ALA A 20 -5.60 -7.81 -9.04
C ALA A 20 -6.89 -7.29 -9.68
CA ETA A 21 -8.11 -5.40 -10.59
N ETA A 21 -6.93 -6.00 -9.98
C ETA A 21 -8.23 -5.83 -12.04
O ETA A 21 -6.98 -5.70 -12.68
H2 ETA A 21 -6.15 -5.44 -9.80
HA1 ETA A 21 -8.02 -4.33 -10.54
HA2 ETA A 21 -8.99 -5.71 -10.04
HB1 ETA A 21 -8.98 -5.22 -12.54
HB2 ETA A 21 -8.54 -6.87 -12.09
HO ETA A 21 -6.30 -5.77 -12.01
#